data_9PAI
#
_entry.id   9PAI
#
_cell.length_a   151.860
_cell.length_b   47.520
_cell.length_c   62.730
_cell.angle_alpha   90.00
_cell.angle_beta   113.95
_cell.angle_gamma   90.00
#
_symmetry.space_group_name_H-M   'C 1 2 1'
#
loop_
_entity.id
_entity.type
_entity.pdbx_description
1 polymer 'PROTEIN (PLASMINOGEN ACTIVATOR INHIBITOR-1) residues 19-364'
2 polymer 'PROTEIN (PLASMINOGEN ACTIVATOR INHIBITOR-1) residues 365-397'
#
loop_
_entity_poly.entity_id
_entity_poly.type
_entity_poly.pdbx_seq_one_letter_code
_entity_poly.pdbx_strand_id
1 'polypeptide(L)'
;VHHPPSYVAHLASDFGVRVFQQVAQASKDRNVVFSPYGVASVLAMLQLTTGGETQQQIQAAMGFKIDDKGMAPALRHLYK
ELMGPWNKDEISTTDAIFVQRDLKLVQGFMPHFFRLFRSTVKQVDFSEVERARFIINDWVKTHTKGMISNLLGKGAVDQL
TRLVLVNALYFNGQWKTPFPDSSTHRRLFHKSDGSTVSVPMMAQTNKFNYTEFTTPDGHYYDILELPYHGDTLSMFIAAP
YEKEVPLSALTNILSAQLISHWKGNMTRLPRLLVLPKFSLETEVDLRKPLENLGMTDMFRQFQADFTSLSDQEPLHVAQA
LQKVKIEVNESGTVPSSSTAVIVSAR
;
A
2 'polypeptide(L)' MAPEEIIMDRPFLFVVRHNPTGTVLFMGQVMEP B
#
# COMPACT_ATOMS: atom_id res chain seq x y z
N VAL A 1 -10.93 25.42 6.48
CA VAL A 1 -10.44 24.05 6.80
C VAL A 1 -10.53 23.15 5.59
N HIS A 2 -9.43 22.47 5.29
CA HIS A 2 -9.34 21.56 4.16
C HIS A 2 -10.38 20.45 4.21
N HIS A 3 -10.73 19.93 3.04
CA HIS A 3 -11.67 18.83 2.90
C HIS A 3 -11.18 17.69 3.81
N PRO A 4 -11.99 17.30 4.80
CA PRO A 4 -11.69 16.24 5.77
C PRO A 4 -11.04 14.94 5.25
N PRO A 5 -11.66 14.25 4.27
CA PRO A 5 -11.07 13.01 3.75
C PRO A 5 -9.70 13.20 3.11
N SER A 6 -9.45 14.41 2.60
CA SER A 6 -8.18 14.73 1.95
C SER A 6 -7.06 14.91 2.96
N TYR A 7 -7.44 15.24 4.19
CA TYR A 7 -6.49 15.41 5.28
C TYR A 7 -6.11 14.04 5.86
N VAL A 8 -7.13 13.24 6.16
CA VAL A 8 -6.93 11.90 6.70
C VAL A 8 -6.23 11.06 5.63
N ALA A 9 -6.51 11.35 4.37
CA ALA A 9 -5.90 10.67 3.24
C ALA A 9 -4.40 10.88 3.26
N HIS A 10 -3.98 12.12 3.53
CA HIS A 10 -2.57 12.43 3.58
C HIS A 10 -1.85 11.65 4.68
N LEU A 11 -2.32 11.79 5.91
CA LEU A 11 -1.74 11.11 7.05
C LEU A 11 -1.63 9.60 6.90
N ALA A 12 -2.67 8.99 6.33
CA ALA A 12 -2.70 7.55 6.12
C ALA A 12 -1.60 7.17 5.13
N SER A 13 -1.52 7.91 4.03
CA SER A 13 -0.53 7.66 2.99
C SER A 13 0.88 7.94 3.48
N ASP A 14 1.07 9.06 4.16
CA ASP A 14 2.37 9.47 4.70
C ASP A 14 2.93 8.33 5.53
N PHE A 15 2.11 7.83 6.45
CA PHE A 15 2.50 6.72 7.31
C PHE A 15 2.92 5.56 6.41
N GLY A 16 2.08 5.25 5.41
CA GLY A 16 2.37 4.16 4.50
C GLY A 16 3.64 4.35 3.70
N VAL A 17 3.88 5.58 3.27
CA VAL A 17 5.08 5.90 2.50
C VAL A 17 6.33 5.81 3.39
N ARG A 18 6.15 5.85 4.70
CA ARG A 18 7.28 5.75 5.63
C ARG A 18 7.52 4.30 5.99
N VAL A 19 6.49 3.47 5.87
CA VAL A 19 6.59 2.04 6.16
C VAL A 19 7.32 1.41 4.97
N PHE A 20 6.94 1.82 3.77
CA PHE A 20 7.54 1.37 2.51
C PHE A 20 9.05 1.57 2.59
N GLN A 21 9.46 2.73 3.08
CA GLN A 21 10.88 3.06 3.22
C GLN A 21 11.66 2.04 4.04
N GLN A 22 11.00 1.47 5.05
CA GLN A 22 11.65 0.48 5.90
C GLN A 22 11.72 -0.84 5.14
N VAL A 23 10.66 -1.15 4.41
CA VAL A 23 10.58 -2.36 3.62
C VAL A 23 11.59 -2.31 2.46
N ALA A 24 11.76 -1.12 1.90
CA ALA A 24 12.68 -0.89 0.78
C ALA A 24 14.15 -0.94 1.19
N GLN A 25 14.47 -0.39 2.36
CA GLN A 25 15.85 -0.39 2.84
C GLN A 25 16.25 -1.77 3.33
N ALA A 26 15.25 -2.65 3.43
CA ALA A 26 15.43 -4.02 3.86
C ALA A 26 15.52 -4.89 2.61
N SER A 27 14.86 -4.43 1.56
CA SER A 27 14.85 -5.10 0.26
C SER A 27 15.50 -4.13 -0.72
N LYS A 28 16.82 -3.98 -0.59
CA LYS A 28 17.59 -3.06 -1.43
C LYS A 28 17.74 -3.44 -2.90
N ASP A 29 18.01 -4.72 -3.17
CA ASP A 29 18.18 -5.15 -4.55
C ASP A 29 17.05 -6.01 -5.12
N ARG A 30 15.95 -6.13 -4.38
CA ARG A 30 14.81 -6.93 -4.87
C ARG A 30 13.51 -6.12 -5.12
N ASN A 31 12.68 -6.65 -6.01
CA ASN A 31 11.40 -6.02 -6.37
C ASN A 31 10.45 -5.91 -5.20
N VAL A 32 9.88 -4.72 -5.05
CA VAL A 32 8.94 -4.49 -3.97
C VAL A 32 7.74 -3.64 -4.38
N VAL A 33 6.57 -4.27 -4.44
CA VAL A 33 5.35 -3.53 -4.72
C VAL A 33 4.65 -3.52 -3.37
N PHE A 34 4.37 -2.31 -2.87
CA PHE A 34 3.77 -2.12 -1.56
C PHE A 34 2.49 -1.30 -1.66
N SER A 35 1.71 -1.33 -0.58
CA SER A 35 0.47 -0.58 -0.52
C SER A 35 0.48 0.32 0.73
N PRO A 36 0.79 1.62 0.56
CA PRO A 36 0.82 2.54 1.70
C PRO A 36 -0.52 2.57 2.39
N TYR A 37 -1.57 2.75 1.59
CA TYR A 37 -2.93 2.80 2.09
C TYR A 37 -3.33 1.53 2.86
N GLY A 38 -2.92 0.37 2.34
CA GLY A 38 -3.23 -0.90 2.98
C GLY A 38 -2.82 -1.06 4.44
N VAL A 39 -1.60 -0.65 4.78
CA VAL A 39 -1.10 -0.76 6.16
C VAL A 39 -1.86 0.21 7.06
N ALA A 40 -2.16 1.39 6.54
CA ALA A 40 -2.87 2.40 7.31
C ALA A 40 -4.25 1.93 7.75
N SER A 41 -4.94 1.19 6.88
CA SER A 41 -6.28 0.69 7.17
C SER A 41 -6.38 -0.25 8.37
N VAL A 42 -5.48 -1.23 8.46
CA VAL A 42 -5.49 -2.17 9.58
C VAL A 42 -4.95 -1.57 10.88
N LEU A 43 -4.00 -0.65 10.78
CA LEU A 43 -3.44 -0.05 11.98
C LEU A 43 -4.47 0.86 12.66
N ALA A 44 -5.30 1.51 11.84
CA ALA A 44 -6.36 2.36 12.34
C ALA A 44 -7.30 1.47 13.15
N MET A 45 -7.60 0.29 12.63
CA MET A 45 -8.46 -0.66 13.32
C MET A 45 -7.81 -1.11 14.59
N LEU A 46 -6.51 -1.34 14.53
CA LEU A 46 -5.75 -1.81 15.67
C LEU A 46 -5.77 -0.78 16.80
N GLN A 47 -5.87 0.49 16.44
CA GLN A 47 -5.90 1.58 17.43
C GLN A 47 -6.99 1.38 18.49
N LEU A 48 -8.08 0.73 18.09
CA LEU A 48 -9.19 0.48 19.00
C LEU A 48 -8.99 -0.74 19.89
N THR A 49 -8.37 -1.78 19.34
CA THR A 49 -8.15 -3.02 20.09
C THR A 49 -7.06 -2.89 21.14
N THR A 50 -6.16 -1.92 20.95
CA THR A 50 -5.03 -1.74 21.86
C THR A 50 -5.19 -0.62 22.89
N GLY A 51 -4.31 -0.63 23.89
CA GLY A 51 -4.36 0.39 24.92
C GLY A 51 -2.99 0.69 25.54
N GLY A 52 -3.00 1.58 26.53
CA GLY A 52 -1.78 1.94 27.22
C GLY A 52 -0.74 2.49 26.28
N GLU A 53 0.51 2.16 26.54
CA GLU A 53 1.62 2.63 25.73
C GLU A 53 1.59 2.04 24.32
N THR A 54 1.08 0.82 24.19
CA THR A 54 0.97 0.15 22.91
C THR A 54 0.14 1.02 21.97
N GLN A 55 -1.07 1.41 22.40
CA GLN A 55 -1.95 2.25 21.59
C GLN A 55 -1.34 3.60 21.26
N GLN A 56 -0.67 4.22 22.24
CA GLN A 56 -0.04 5.52 22.06
C GLN A 56 1.06 5.52 21.01
N GLN A 57 1.83 4.44 20.93
CA GLN A 57 2.92 4.33 19.96
C GLN A 57 2.37 4.34 18.55
N ILE A 58 1.29 3.58 18.33
CA ILE A 58 0.63 3.51 17.03
C ILE A 58 0.10 4.87 16.60
N GLN A 59 -0.46 5.62 17.56
CA GLN A 59 -1.03 6.92 17.23
C GLN A 59 0.08 7.94 16.98
N ALA A 60 1.22 7.75 17.66
CA ALA A 60 2.37 8.62 17.49
C ALA A 60 2.97 8.38 16.11
N ALA A 61 3.09 7.11 15.74
CA ALA A 61 3.62 6.69 14.45
C ALA A 61 2.72 7.17 13.32
N MET A 62 1.45 6.76 13.36
CA MET A 62 0.50 7.16 12.33
C MET A 62 0.32 8.66 12.19
N GLY A 63 0.22 9.36 13.32
CA GLY A 63 0.07 10.80 13.29
C GLY A 63 -1.32 11.31 13.56
N PHE A 64 -2.21 10.43 14.00
CA PHE A 64 -3.59 10.79 14.33
C PHE A 64 -4.28 9.69 15.14
N LYS A 65 -5.41 10.04 15.75
CA LYS A 65 -6.17 9.10 16.57
C LYS A 65 -7.52 8.82 15.93
N ILE A 66 -7.80 7.56 15.67
CA ILE A 66 -9.06 7.16 15.06
C ILE A 66 -10.25 7.48 15.99
N ASP A 67 -9.95 7.93 17.20
CA ASP A 67 -10.95 8.28 18.20
C ASP A 67 -11.47 9.72 18.12
N ASP A 68 -10.54 10.67 17.95
CA ASP A 68 -10.83 12.09 17.85
C ASP A 68 -12.08 12.49 17.06
N LYS A 69 -12.44 13.77 17.18
CA LYS A 69 -13.62 14.34 16.54
C LYS A 69 -13.52 14.38 15.00
N GLY A 70 -14.58 13.93 14.35
CA GLY A 70 -14.65 13.92 12.89
C GLY A 70 -13.64 13.05 12.16
N MET A 71 -12.76 12.37 12.91
CA MET A 71 -11.71 11.52 12.36
C MET A 71 -12.19 10.25 11.66
N ALA A 72 -13.03 9.47 12.32
CA ALA A 72 -13.55 8.23 11.75
C ALA A 72 -14.55 8.50 10.60
N PRO A 73 -15.45 9.48 10.77
CA PRO A 73 -16.42 9.75 9.69
C PRO A 73 -15.71 10.19 8.41
N ALA A 74 -14.55 10.82 8.57
CA ALA A 74 -13.74 11.29 7.45
C ALA A 74 -13.07 10.12 6.72
N LEU A 75 -12.64 9.11 7.48
CA LEU A 75 -12.01 7.93 6.90
C LEU A 75 -13.05 7.14 6.09
N ARG A 76 -14.31 7.26 6.50
CA ARG A 76 -15.41 6.59 5.83
C ARG A 76 -15.81 7.29 4.54
N HIS A 77 -15.71 8.62 4.50
CA HIS A 77 -16.04 9.37 3.29
C HIS A 77 -14.93 9.15 2.27
N LEU A 78 -13.76 8.79 2.77
CA LEU A 78 -12.60 8.50 1.95
C LEU A 78 -12.85 7.17 1.25
N TYR A 79 -13.37 6.19 1.99
CA TYR A 79 -13.66 4.89 1.40
C TYR A 79 -14.62 5.08 0.24
N LYS A 80 -15.59 5.98 0.44
CA LYS A 80 -16.60 6.29 -0.55
C LYS A 80 -16.14 7.04 -1.78
N GLU A 81 -15.40 8.12 -1.59
CA GLU A 81 -14.90 8.92 -2.71
C GLU A 81 -13.99 8.06 -3.59
N LEU A 82 -13.29 7.13 -2.95
CA LEU A 82 -12.37 6.23 -3.63
C LEU A 82 -13.09 5.21 -4.50
N MET A 83 -14.22 4.71 -4.01
CA MET A 83 -14.99 3.70 -4.72
C MET A 83 -16.18 4.25 -5.51
N GLY A 84 -16.17 5.55 -5.80
CA GLY A 84 -17.27 6.13 -6.55
C GLY A 84 -17.16 5.89 -8.04
N PRO A 85 -18.30 5.64 -8.73
CA PRO A 85 -18.33 5.39 -10.18
C PRO A 85 -17.77 6.54 -11.00
N TRP A 86 -17.76 7.74 -10.41
CA TRP A 86 -17.26 8.94 -11.07
C TRP A 86 -15.77 8.90 -11.39
N ASN A 87 -15.06 7.97 -10.78
CA ASN A 87 -13.63 7.81 -11.00
C ASN A 87 -13.31 7.04 -12.27
N LYS A 88 -14.34 6.43 -12.87
CA LYS A 88 -14.25 5.59 -14.09
C LYS A 88 -13.41 4.34 -13.82
N ASP A 89 -12.30 4.53 -13.10
CA ASP A 89 -11.41 3.46 -12.72
C ASP A 89 -11.93 2.87 -11.42
N GLU A 90 -12.03 1.55 -11.40
CA GLU A 90 -12.55 0.81 -10.25
C GLU A 90 -11.61 0.53 -9.09
N ILE A 91 -12.06 0.88 -7.88
CA ILE A 91 -11.33 0.66 -6.64
C ILE A 91 -12.29 -0.07 -5.70
N SER A 92 -11.73 -0.90 -4.82
CA SER A 92 -12.52 -1.67 -3.87
C SER A 92 -11.75 -2.02 -2.60
N THR A 93 -11.91 -1.19 -1.57
CA THR A 93 -11.26 -1.43 -0.29
C THR A 93 -12.30 -2.00 0.68
N THR A 94 -11.86 -2.93 1.53
CA THR A 94 -12.73 -3.55 2.53
C THR A 94 -11.92 -4.04 3.72
N ASP A 95 -12.40 -3.73 4.92
CA ASP A 95 -11.72 -4.15 6.13
C ASP A 95 -12.59 -5.15 6.86
N ALA A 96 -11.95 -6.06 7.59
CA ALA A 96 -12.67 -7.08 8.34
C ALA A 96 -11.91 -7.43 9.60
N ILE A 97 -12.63 -7.95 10.58
CA ILE A 97 -12.04 -8.35 11.83
C ILE A 97 -12.63 -9.69 12.24
N PHE A 98 -11.75 -10.62 12.57
CA PHE A 98 -12.15 -11.96 12.97
C PHE A 98 -11.72 -12.15 14.41
N VAL A 99 -12.69 -12.34 15.29
CA VAL A 99 -12.42 -12.52 16.70
C VAL A 99 -12.92 -13.88 17.16
N GLN A 100 -12.25 -14.42 18.17
CA GLN A 100 -12.60 -15.70 18.78
C GLN A 100 -13.92 -15.46 19.51
N ARG A 101 -14.97 -16.20 19.14
CA ARG A 101 -16.27 -16.04 19.78
C ARG A 101 -16.27 -16.15 21.32
N ASP A 102 -15.48 -17.08 21.86
CA ASP A 102 -15.42 -17.27 23.31
C ASP A 102 -14.45 -16.31 24.01
N LEU A 103 -14.06 -15.25 23.31
CA LEU A 103 -13.16 -14.24 23.88
C LEU A 103 -14.02 -13.16 24.51
N LYS A 104 -13.97 -13.06 25.83
CA LYS A 104 -14.74 -12.07 26.55
C LYS A 104 -14.19 -10.69 26.28
N LEU A 105 -14.85 -10.00 25.36
CA LEU A 105 -14.48 -8.65 24.96
C LEU A 105 -14.84 -7.70 26.10
N VAL A 106 -14.06 -6.62 26.26
CA VAL A 106 -14.36 -5.64 27.30
C VAL A 106 -15.69 -5.00 26.94
N GLN A 107 -16.25 -4.23 27.87
CA GLN A 107 -17.54 -3.60 27.64
C GLN A 107 -17.53 -2.46 26.62
N GLY A 108 -18.51 -2.49 25.73
CA GLY A 108 -18.66 -1.45 24.72
C GLY A 108 -17.83 -1.58 23.46
N PHE A 109 -16.79 -2.42 23.49
CA PHE A 109 -15.92 -2.60 22.33
C PHE A 109 -16.63 -2.91 21.02
N MET A 110 -17.40 -3.99 20.98
CA MET A 110 -18.12 -4.38 19.76
C MET A 110 -18.96 -3.30 19.10
N PRO A 111 -19.96 -2.76 19.82
CA PRO A 111 -20.77 -1.72 19.18
C PRO A 111 -19.95 -0.49 18.77
N HIS A 112 -19.04 -0.06 19.64
CA HIS A 112 -18.19 1.10 19.38
C HIS A 112 -17.33 0.89 18.14
N PHE A 113 -16.72 -0.28 18.05
CA PHE A 113 -15.86 -0.61 16.90
C PHE A 113 -16.66 -0.50 15.60
N PHE A 114 -17.91 -0.98 15.65
CA PHE A 114 -18.81 -0.93 14.49
C PHE A 114 -19.31 0.48 14.15
N ARG A 115 -19.53 1.29 15.18
CA ARG A 115 -20.00 2.66 14.98
C ARG A 115 -18.96 3.50 14.25
N LEU A 116 -17.69 3.25 14.57
CA LEU A 116 -16.56 3.98 13.97
C LEU A 116 -16.17 3.49 12.58
N PHE A 117 -15.90 2.20 12.44
CA PHE A 117 -15.49 1.62 11.17
C PHE A 117 -16.61 1.10 10.27
N ARG A 118 -17.61 0.46 10.88
CA ARG A 118 -18.75 -0.10 10.16
C ARG A 118 -18.30 -1.02 9.03
N SER A 119 -17.52 -2.05 9.39
CA SER A 119 -17.03 -3.01 8.42
C SER A 119 -17.48 -4.43 8.79
N THR A 120 -16.93 -5.43 8.13
CA THR A 120 -17.28 -6.82 8.39
C THR A 120 -16.78 -7.26 9.76
N VAL A 121 -17.64 -7.92 10.52
CA VAL A 121 -17.30 -8.45 11.83
C VAL A 121 -17.69 -9.91 11.81
N LYS A 122 -16.71 -10.79 12.02
CA LYS A 122 -16.95 -12.23 12.02
C LYS A 122 -16.46 -12.93 13.28
N GLN A 123 -17.36 -13.70 13.90
CA GLN A 123 -17.02 -14.46 15.09
C GLN A 123 -16.73 -15.89 14.69
N VAL A 124 -15.46 -16.27 14.76
CA VAL A 124 -15.04 -17.61 14.38
C VAL A 124 -14.31 -18.38 15.49
N ASP A 125 -14.41 -19.70 15.44
CA ASP A 125 -13.76 -20.59 16.41
C ASP A 125 -12.44 -21.08 15.80
N PHE A 126 -11.33 -20.51 16.29
CA PHE A 126 -10.00 -20.87 15.80
C PHE A 126 -9.53 -22.26 16.20
N SER A 127 -10.29 -22.94 17.06
CA SER A 127 -9.91 -24.29 17.47
C SER A 127 -10.13 -25.22 16.28
N GLU A 128 -11.04 -24.81 15.39
CA GLU A 128 -11.37 -25.54 14.18
C GLU A 128 -10.44 -24.99 13.08
N VAL A 129 -9.14 -25.02 13.37
CA VAL A 129 -8.05 -24.52 12.52
C VAL A 129 -8.27 -24.33 11.01
N GLU A 130 -8.35 -25.43 10.26
CA GLU A 130 -8.49 -25.35 8.81
C GLU A 130 -9.72 -24.60 8.31
N ARG A 131 -10.84 -24.77 9.00
CA ARG A 131 -12.08 -24.09 8.63
C ARG A 131 -11.92 -22.60 8.84
N ALA A 132 -11.16 -22.21 9.87
CA ALA A 132 -10.93 -20.80 10.18
C ALA A 132 -10.25 -20.04 9.05
N ARG A 133 -9.07 -20.50 8.63
CA ARG A 133 -8.37 -19.80 7.56
C ARG A 133 -9.09 -19.90 6.23
N PHE A 134 -10.03 -20.85 6.14
CA PHE A 134 -10.85 -21.04 4.95
C PHE A 134 -11.84 -19.87 4.91
N ILE A 135 -12.23 -19.42 6.09
CA ILE A 135 -13.17 -18.31 6.22
C ILE A 135 -12.48 -17.01 5.81
N ILE A 136 -11.31 -16.75 6.35
CA ILE A 136 -10.57 -15.53 6.02
C ILE A 136 -9.94 -15.53 4.62
N ASN A 137 -9.18 -16.56 4.27
CA ASN A 137 -8.54 -16.62 2.95
C ASN A 137 -9.53 -16.50 1.80
N ASP A 138 -10.74 -17.00 2.01
CA ASP A 138 -11.79 -16.93 0.99
C ASP A 138 -12.42 -15.54 0.97
N TRP A 139 -12.37 -14.86 2.12
CA TRP A 139 -12.91 -13.52 2.25
C TRP A 139 -12.00 -12.61 1.43
N VAL A 140 -10.71 -12.77 1.65
CA VAL A 140 -9.71 -11.98 0.94
C VAL A 140 -9.88 -12.20 -0.57
N LYS A 141 -9.97 -13.47 -0.96
CA LYS A 141 -10.14 -13.89 -2.36
C LYS A 141 -11.24 -13.16 -3.13
N THR A 142 -12.44 -13.10 -2.56
CA THR A 142 -13.59 -12.45 -3.20
C THR A 142 -13.51 -10.94 -3.24
N HIS A 143 -12.90 -10.33 -2.22
CA HIS A 143 -12.80 -8.88 -2.13
C HIS A 143 -11.63 -8.27 -2.87
N THR A 144 -10.72 -9.12 -3.34
CA THR A 144 -9.57 -8.71 -4.13
C THR A 144 -9.80 -9.29 -5.53
N LYS A 145 -11.03 -9.77 -5.74
CA LYS A 145 -11.49 -10.37 -6.99
C LYS A 145 -10.53 -11.38 -7.59
N GLY A 146 -10.37 -12.52 -6.92
CA GLY A 146 -9.48 -13.55 -7.42
C GLY A 146 -8.00 -13.40 -7.12
N MET A 147 -7.49 -12.17 -7.19
CA MET A 147 -6.07 -11.90 -6.90
C MET A 147 -5.85 -12.31 -5.44
N ILE A 148 -4.64 -12.77 -5.11
CA ILE A 148 -4.33 -13.17 -3.73
C ILE A 148 -5.30 -14.29 -3.32
N SER A 149 -5.01 -15.49 -3.81
CA SER A 149 -5.84 -16.67 -3.56
C SER A 149 -5.65 -17.33 -2.21
N ASN A 150 -4.46 -17.16 -1.64
CA ASN A 150 -4.13 -17.75 -0.36
C ASN A 150 -3.27 -16.77 0.42
N LEU A 151 -3.91 -15.88 1.17
CA LEU A 151 -3.18 -14.90 1.96
C LEU A 151 -2.46 -15.57 3.13
N LEU A 152 -3.16 -16.48 3.80
CA LEU A 152 -2.59 -17.17 4.94
C LEU A 152 -2.08 -18.56 4.62
N GLY A 153 -0.78 -18.76 4.79
CA GLY A 153 -0.18 -20.05 4.55
C GLY A 153 -0.61 -21.02 5.64
N LYS A 154 -0.46 -22.31 5.38
CA LYS A 154 -0.83 -23.32 6.36
C LYS A 154 -0.06 -23.10 7.65
N GLY A 155 -0.78 -23.05 8.77
CA GLY A 155 -0.15 -22.85 10.05
C GLY A 155 0.18 -21.41 10.40
N ALA A 156 -0.38 -20.46 9.65
CA ALA A 156 -0.16 -19.04 9.90
C ALA A 156 -1.10 -18.58 11.01
N VAL A 157 -2.12 -19.40 11.26
CA VAL A 157 -3.10 -19.18 12.30
C VAL A 157 -3.31 -20.54 12.98
N ASP A 158 -3.75 -20.53 14.23
CA ASP A 158 -3.99 -21.77 14.96
C ASP A 158 -5.05 -21.67 16.04
N GLN A 159 -5.06 -22.66 16.92
CA GLN A 159 -6.02 -22.73 18.02
C GLN A 159 -5.83 -21.59 19.04
N LEU A 160 -4.57 -21.21 19.26
CA LEU A 160 -4.21 -20.14 20.19
C LEU A 160 -4.61 -18.76 19.64
N THR A 161 -4.84 -18.69 18.33
CA THR A 161 -5.20 -17.44 17.65
C THR A 161 -6.45 -16.83 18.24
N ARG A 162 -6.46 -15.50 18.33
CA ARG A 162 -7.58 -14.78 18.89
C ARG A 162 -8.16 -13.72 17.95
N LEU A 163 -7.31 -12.82 17.47
CA LEU A 163 -7.75 -11.73 16.62
C LEU A 163 -7.02 -11.65 15.27
N VAL A 164 -7.78 -11.30 14.22
CA VAL A 164 -7.21 -11.14 12.89
C VAL A 164 -7.91 -9.98 12.16
N LEU A 165 -7.22 -8.86 12.05
CA LEU A 165 -7.77 -7.71 11.33
C LEU A 165 -7.06 -7.61 9.98
N VAL A 166 -7.84 -7.72 8.91
CA VAL A 166 -7.32 -7.71 7.55
C VAL A 166 -7.96 -6.67 6.62
N ASN A 167 -7.20 -6.22 5.63
CA ASN A 167 -7.69 -5.27 4.63
C ASN A 167 -7.53 -5.87 3.23
N ALA A 168 -8.46 -5.57 2.35
CA ALA A 168 -8.42 -6.07 0.98
C ALA A 168 -8.65 -4.97 -0.05
N LEU A 169 -7.54 -4.50 -0.64
CA LEU A 169 -7.58 -3.42 -1.64
C LEU A 169 -7.55 -3.96 -3.07
N TYR A 170 -8.31 -3.32 -3.95
CA TYR A 170 -8.35 -3.71 -5.33
C TYR A 170 -8.41 -2.46 -6.19
N PHE A 171 -7.78 -2.55 -7.37
CA PHE A 171 -7.74 -1.46 -8.32
C PHE A 171 -7.63 -2.00 -9.72
N ASN A 172 -8.44 -1.47 -10.63
CA ASN A 172 -8.43 -1.89 -12.01
C ASN A 172 -8.49 -0.63 -12.86
N GLY A 173 -7.32 -0.03 -13.10
CA GLY A 173 -7.27 1.17 -13.92
C GLY A 173 -6.94 0.91 -15.37
N GLN A 174 -7.30 1.86 -16.24
CA GLN A 174 -7.03 1.77 -17.67
C GLN A 174 -6.43 3.07 -18.15
N TRP A 175 -5.24 2.98 -18.78
CA TRP A 175 -4.51 4.15 -19.27
C TRP A 175 -5.39 5.07 -20.10
N LYS A 176 -5.29 6.37 -19.84
CA LYS A 176 -6.06 7.39 -20.55
C LYS A 176 -5.70 7.37 -22.05
N THR A 177 -4.45 6.98 -22.31
CA THR A 177 -3.86 6.88 -23.65
C THR A 177 -3.01 5.60 -23.59
N PRO A 178 -3.63 4.43 -23.74
CA PRO A 178 -2.93 3.15 -23.69
C PRO A 178 -1.81 2.99 -24.73
N PHE A 179 -0.78 2.26 -24.32
CA PHE A 179 0.39 2.00 -25.16
C PHE A 179 0.04 1.11 -26.35
N PRO A 180 0.51 1.47 -27.55
CA PRO A 180 0.27 0.70 -28.78
C PRO A 180 0.99 -0.63 -28.73
N ASP A 181 0.26 -1.72 -28.96
CA ASP A 181 0.83 -3.07 -28.95
C ASP A 181 2.08 -3.15 -29.82
N SER A 182 1.94 -2.68 -31.06
CA SER A 182 3.00 -2.68 -32.06
C SER A 182 4.30 -2.09 -31.51
N SER A 183 4.17 -1.05 -30.69
CA SER A 183 5.33 -0.37 -30.12
C SER A 183 6.12 -1.21 -29.11
N THR A 184 5.51 -2.27 -28.58
CA THR A 184 6.19 -3.12 -27.62
C THR A 184 7.32 -3.87 -28.30
N HIS A 185 8.52 -3.68 -27.79
CA HIS A 185 9.70 -4.31 -28.35
C HIS A 185 10.68 -4.58 -27.22
N ARG A 186 11.61 -5.50 -27.47
CA ARG A 186 12.63 -5.84 -26.49
C ARG A 186 13.65 -4.73 -26.40
N ARG A 187 14.05 -4.42 -25.18
CA ARG A 187 15.06 -3.39 -24.92
C ARG A 187 15.88 -3.90 -23.76
N LEU A 188 16.95 -3.20 -23.45
CA LEU A 188 17.82 -3.61 -22.35
C LEU A 188 17.59 -2.91 -21.01
N PHE A 189 17.43 -3.71 -19.96
CA PHE A 189 17.22 -3.19 -18.61
C PHE A 189 18.51 -3.42 -17.81
N HIS A 190 19.09 -2.33 -17.34
CA HIS A 190 20.32 -2.36 -16.57
C HIS A 190 20.05 -2.60 -15.07
N LYS A 191 20.39 -3.80 -14.59
CA LYS A 191 20.18 -4.17 -13.18
C LYS A 191 21.06 -3.41 -12.18
N SER A 192 20.60 -3.40 -10.93
CA SER A 192 21.28 -2.74 -9.82
C SER A 192 22.64 -3.34 -9.45
N ASP A 193 23.06 -4.35 -10.20
CA ASP A 193 24.36 -4.99 -9.96
C ASP A 193 25.28 -4.83 -11.17
N GLY A 194 24.74 -4.24 -12.24
CA GLY A 194 25.53 -4.00 -13.44
C GLY A 194 25.05 -4.73 -14.68
N SER A 195 24.57 -5.96 -14.52
CA SER A 195 24.11 -6.78 -15.64
C SER A 195 22.89 -6.21 -16.38
N THR A 196 22.73 -6.61 -17.65
CA THR A 196 21.60 -6.16 -18.46
C THR A 196 20.71 -7.34 -18.82
N VAL A 197 19.49 -7.05 -19.27
CA VAL A 197 18.52 -8.08 -19.66
C VAL A 197 17.62 -7.57 -20.78
N SER A 198 17.07 -8.48 -21.58
CA SER A 198 16.17 -8.12 -22.66
C SER A 198 14.74 -8.28 -22.15
N VAL A 199 14.11 -7.14 -21.88
CA VAL A 199 12.74 -7.11 -21.35
C VAL A 199 11.79 -6.40 -22.31
N PRO A 200 10.59 -6.95 -22.53
CA PRO A 200 9.66 -6.27 -23.44
C PRO A 200 9.22 -4.93 -22.84
N MET A 201 9.56 -3.84 -23.50
CA MET A 201 9.20 -2.51 -23.04
C MET A 201 8.10 -1.90 -23.90
N MET A 202 7.30 -1.04 -23.29
CA MET A 202 6.21 -0.38 -23.97
C MET A 202 6.69 1.02 -24.34
N ALA A 203 6.22 1.54 -25.46
CA ALA A 203 6.63 2.86 -25.90
C ALA A 203 5.42 3.69 -26.24
N GLN A 204 5.59 5.00 -26.15
CA GLN A 204 4.50 5.91 -26.45
C GLN A 204 4.95 7.34 -26.61
N THR A 205 4.56 7.95 -27.72
CA THR A 205 4.90 9.34 -27.98
C THR A 205 3.64 10.16 -27.64
N ASN A 206 3.80 11.10 -26.72
CA ASN A 206 2.67 11.93 -26.28
C ASN A 206 3.22 13.09 -25.47
N LYS A 207 2.34 13.79 -24.78
CA LYS A 207 2.73 14.89 -23.92
C LYS A 207 2.33 14.46 -22.52
N PHE A 208 3.33 14.29 -21.66
CA PHE A 208 3.11 13.86 -20.29
C PHE A 208 3.40 14.98 -19.29
N ASN A 209 2.79 14.89 -18.12
CA ASN A 209 3.05 15.85 -17.07
C ASN A 209 4.42 15.45 -16.53
N TYR A 210 5.43 16.21 -16.94
CA TYR A 210 6.81 15.95 -16.53
C TYR A 210 7.41 17.03 -15.65
N THR A 211 8.38 16.63 -14.83
CA THR A 211 9.11 17.56 -13.98
C THR A 211 10.42 16.94 -13.50
N GLU A 212 11.47 17.76 -13.51
CA GLU A 212 12.79 17.35 -13.05
C GLU A 212 12.92 17.73 -11.58
N PHE A 213 13.40 16.79 -10.76
CA PHE A 213 13.55 17.01 -9.33
C PHE A 213 14.97 16.66 -8.87
N THR A 214 15.65 17.63 -8.26
CA THR A 214 17.01 17.44 -7.78
C THR A 214 17.02 16.89 -6.34
N THR A 215 18.03 16.08 -6.03
CA THR A 215 18.20 15.49 -4.71
C THR A 215 19.20 16.34 -3.92
N PRO A 216 19.10 16.33 -2.57
CA PRO A 216 20.02 17.10 -1.72
C PRO A 216 21.50 16.92 -2.08
N ASP A 217 21.86 15.72 -2.54
CA ASP A 217 23.24 15.42 -2.93
C ASP A 217 23.56 16.16 -4.24
N GLY A 218 22.53 16.39 -5.04
CA GLY A 218 22.68 17.08 -6.30
C GLY A 218 22.29 16.24 -7.50
N HIS A 219 21.68 15.07 -7.24
CA HIS A 219 21.28 14.17 -8.30
C HIS A 219 19.91 14.49 -8.90
N TYR A 220 19.80 14.43 -10.22
CA TYR A 220 18.54 14.72 -10.91
C TYR A 220 17.71 13.48 -11.22
N TYR A 221 16.43 13.55 -10.86
CA TYR A 221 15.48 12.47 -11.09
C TYR A 221 14.32 12.93 -11.96
N ASP A 222 13.86 12.03 -12.80
CA ASP A 222 12.74 12.31 -13.70
C ASP A 222 11.46 11.87 -13.02
N ILE A 223 10.45 12.73 -13.05
CA ILE A 223 9.16 12.38 -12.48
C ILE A 223 8.14 12.59 -13.59
N LEU A 224 7.38 11.53 -13.88
CA LEU A 224 6.40 11.55 -14.96
C LEU A 224 5.03 11.00 -14.50
N GLU A 225 3.94 11.58 -15.02
CA GLU A 225 2.60 11.11 -14.68
C GLU A 225 1.80 10.53 -15.85
N LEU A 226 1.36 9.29 -15.69
CA LEU A 226 0.56 8.59 -16.68
C LEU A 226 -0.78 8.36 -16.02
N PRO A 227 -1.79 9.17 -16.40
CA PRO A 227 -3.12 9.03 -15.81
C PRO A 227 -3.93 7.89 -16.40
N TYR A 228 -5.00 7.55 -15.68
CA TYR A 228 -5.93 6.53 -16.12
C TYR A 228 -7.12 7.32 -16.65
N HIS A 229 -7.92 6.73 -17.53
CA HIS A 229 -9.05 7.44 -18.15
C HIS A 229 -10.06 8.14 -17.25
N GLY A 230 -9.96 7.92 -15.95
CA GLY A 230 -10.86 8.58 -15.02
C GLY A 230 -10.36 9.97 -14.68
N ASP A 231 -9.08 10.22 -14.98
CA ASP A 231 -8.42 11.50 -14.71
C ASP A 231 -8.41 11.89 -13.23
N THR A 232 -8.68 10.92 -12.38
CA THR A 232 -8.69 11.13 -10.94
C THR A 232 -7.59 10.28 -10.32
N LEU A 233 -7.19 9.23 -11.04
CA LEU A 233 -6.15 8.32 -10.62
C LEU A 233 -5.02 8.33 -11.66
N SER A 234 -3.80 8.11 -11.19
CA SER A 234 -2.65 8.07 -12.08
C SER A 234 -1.45 7.42 -11.41
N MET A 235 -0.51 6.97 -12.23
CA MET A 235 0.71 6.35 -11.74
C MET A 235 1.87 7.29 -12.03
N PHE A 236 2.67 7.55 -11.01
CA PHE A 236 3.84 8.42 -11.16
C PHE A 236 5.08 7.58 -11.33
N ILE A 237 5.88 7.95 -12.32
CA ILE A 237 7.12 7.25 -12.62
C ILE A 237 8.30 8.12 -12.24
N ALA A 238 9.23 7.54 -11.51
CA ALA A 238 10.41 8.26 -11.07
C ALA A 238 11.68 7.42 -11.14
N ALA A 239 12.57 7.81 -12.06
CA ALA A 239 13.85 7.16 -12.29
C ALA A 239 14.87 8.28 -12.37
N PRO A 240 16.16 7.99 -12.18
CA PRO A 240 17.23 9.00 -12.24
C PRO A 240 17.67 9.30 -13.66
N TYR A 241 18.42 10.38 -13.82
CA TYR A 241 18.96 10.75 -15.12
C TYR A 241 20.15 9.81 -15.34
N GLU A 242 21.11 9.86 -14.40
CA GLU A 242 22.31 9.03 -14.44
C GLU A 242 22.01 7.62 -13.93
N LYS A 243 22.64 6.62 -14.55
CA LYS A 243 22.42 5.24 -14.13
C LYS A 243 23.33 4.86 -12.96
N GLU A 244 24.34 5.71 -12.71
CA GLU A 244 25.29 5.50 -11.62
C GLU A 244 24.60 5.69 -10.26
N VAL A 245 23.72 6.69 -10.19
CA VAL A 245 22.99 6.98 -8.98
C VAL A 245 21.83 5.99 -8.84
N PRO A 246 21.82 5.23 -7.73
CA PRO A 246 20.83 4.22 -7.38
C PRO A 246 19.46 4.76 -6.97
N LEU A 247 18.44 3.88 -7.02
CA LEU A 247 17.08 4.26 -6.66
C LEU A 247 16.99 4.58 -5.16
N SER A 248 17.95 4.08 -4.41
CA SER A 248 18.06 4.30 -2.97
C SER A 248 18.00 5.77 -2.58
N ALA A 249 18.84 6.58 -3.21
CA ALA A 249 18.92 8.01 -2.95
C ALA A 249 17.57 8.73 -3.13
N LEU A 250 16.74 8.19 -4.00
CA LEU A 250 15.43 8.77 -4.26
C LEU A 250 14.46 8.35 -3.17
N THR A 251 14.37 7.04 -2.94
CA THR A 251 13.46 6.47 -1.95
C THR A 251 13.70 6.88 -0.51
N ASN A 252 14.93 7.27 -0.18
CA ASN A 252 15.27 7.68 1.19
C ASN A 252 14.75 9.04 1.60
N ILE A 253 14.28 9.82 0.64
CA ILE A 253 13.74 11.14 0.94
C ILE A 253 12.23 11.19 0.68
N LEU A 254 11.68 10.05 0.24
CA LEU A 254 10.26 9.92 -0.07
C LEU A 254 9.34 10.34 1.08
N SER A 255 8.17 10.84 0.71
CA SER A 255 7.17 11.30 1.67
C SER A 255 5.91 11.63 0.88
N ALA A 256 4.75 11.59 1.54
CA ALA A 256 3.50 11.91 0.84
C ALA A 256 3.52 13.37 0.36
N GLN A 257 4.29 14.21 1.05
CA GLN A 257 4.42 15.61 0.68
C GLN A 257 5.23 15.77 -0.60
N LEU A 258 6.36 15.07 -0.67
CA LEU A 258 7.22 15.12 -1.85
C LEU A 258 6.47 14.70 -3.11
N ILE A 259 5.46 13.86 -2.95
CA ILE A 259 4.68 13.40 -4.08
C ILE A 259 3.72 14.48 -4.53
N SER A 260 3.18 15.21 -3.55
CA SER A 260 2.26 16.31 -3.81
C SER A 260 3.02 17.40 -4.55
N HIS A 261 4.25 17.65 -4.10
CA HIS A 261 5.13 18.66 -4.70
C HIS A 261 5.44 18.38 -6.17
N TRP A 262 5.74 17.12 -6.49
CA TRP A 262 6.01 16.72 -7.88
C TRP A 262 4.77 17.11 -8.67
N LYS A 263 3.65 16.49 -8.32
CA LYS A 263 2.36 16.73 -8.96
C LYS A 263 2.06 18.21 -9.14
N GLY A 264 2.53 19.04 -8.20
CA GLY A 264 2.30 20.47 -8.28
C GLY A 264 3.17 21.25 -9.25
N ASN A 265 4.38 20.75 -9.50
CA ASN A 265 5.34 21.42 -10.41
C ASN A 265 5.32 20.93 -11.86
N MET A 266 4.50 19.92 -12.14
CA MET A 266 4.44 19.35 -13.47
C MET A 266 3.82 20.20 -14.57
N THR A 267 4.30 19.96 -15.79
CA THR A 267 3.86 20.64 -17.00
C THR A 267 3.81 19.63 -18.14
N ARG A 268 2.70 19.59 -18.89
CA ARG A 268 2.54 18.67 -20.01
C ARG A 268 3.51 18.94 -21.15
N LEU A 269 4.57 18.14 -21.20
CA LEU A 269 5.61 18.26 -22.23
C LEU A 269 5.64 17.04 -23.15
N PRO A 270 5.97 17.27 -24.43
CA PRO A 270 6.04 16.16 -25.40
C PRO A 270 7.22 15.25 -25.06
N ARG A 271 6.94 13.95 -24.97
CA ARG A 271 7.97 12.98 -24.63
C ARG A 271 7.64 11.63 -25.24
N LEU A 272 8.69 10.86 -25.49
CA LEU A 272 8.56 9.51 -26.01
C LEU A 272 8.91 8.63 -24.82
N LEU A 273 7.88 8.08 -24.20
CA LEU A 273 8.06 7.25 -23.02
C LEU A 273 8.17 5.78 -23.38
N VAL A 274 9.22 5.16 -22.88
CA VAL A 274 9.47 3.73 -23.10
C VAL A 274 9.58 3.13 -21.71
N LEU A 275 8.55 2.39 -21.34
CA LEU A 275 8.44 1.77 -20.02
C LEU A 275 8.31 0.25 -20.09
N PRO A 276 9.12 -0.47 -19.32
CA PRO A 276 9.01 -1.93 -19.34
C PRO A 276 7.75 -2.41 -18.66
N LYS A 277 7.02 -3.27 -19.34
CA LYS A 277 5.82 -3.84 -18.75
C LYS A 277 6.29 -4.84 -17.69
N PHE A 278 5.45 -5.14 -16.71
CA PHE A 278 5.82 -6.09 -15.66
C PHE A 278 4.66 -6.66 -14.85
N SER A 279 4.94 -7.75 -14.13
CA SER A 279 3.93 -8.43 -13.32
C SER A 279 4.56 -8.96 -12.04
N LEU A 280 4.64 -8.09 -11.04
CA LEU A 280 5.23 -8.44 -9.76
C LEU A 280 4.23 -9.06 -8.78
N GLU A 281 4.79 -9.69 -7.75
CA GLU A 281 4.02 -10.34 -6.71
C GLU A 281 4.95 -10.46 -5.51
N THR A 282 4.65 -9.73 -4.43
CA THR A 282 5.49 -9.75 -3.25
C THR A 282 4.73 -9.85 -1.91
N GLU A 283 5.38 -10.50 -0.96
CA GLU A 283 4.86 -10.66 0.39
C GLU A 283 5.88 -10.05 1.35
N VAL A 284 5.46 -9.07 2.12
CA VAL A 284 6.36 -8.41 3.08
C VAL A 284 5.98 -8.62 4.54
N ASP A 285 6.99 -8.85 5.38
CA ASP A 285 6.79 -9.03 6.81
C ASP A 285 6.92 -7.63 7.41
N LEU A 286 5.80 -7.10 7.89
CA LEU A 286 5.75 -5.77 8.50
C LEU A 286 6.28 -5.65 9.94
N ARG A 287 6.79 -6.73 10.53
CA ARG A 287 7.30 -6.70 11.90
C ARG A 287 8.40 -5.67 12.11
N LYS A 288 9.58 -5.94 11.54
CA LYS A 288 10.72 -5.04 11.66
C LYS A 288 10.42 -3.60 11.22
N PRO A 289 9.76 -3.41 10.05
CA PRO A 289 9.42 -2.08 9.52
C PRO A 289 8.59 -1.24 10.49
N LEU A 290 7.67 -1.90 11.20
CA LEU A 290 6.81 -1.26 12.16
C LEU A 290 7.57 -0.81 13.41
N GLU A 291 8.41 -1.69 13.94
CA GLU A 291 9.21 -1.39 15.13
C GLU A 291 10.20 -0.26 14.84
N ASN A 292 10.59 -0.12 13.58
CA ASN A 292 11.52 0.92 13.17
C ASN A 292 10.82 2.28 13.18
N LEU A 293 9.50 2.23 13.28
CA LEU A 293 8.69 3.44 13.31
C LEU A 293 8.15 3.74 14.71
N GLY A 294 8.60 2.97 15.69
CA GLY A 294 8.19 3.17 17.07
C GLY A 294 7.27 2.18 17.74
N MET A 295 6.48 1.45 16.96
CA MET A 295 5.53 0.48 17.50
C MET A 295 6.19 -0.86 17.86
N THR A 296 7.02 -0.84 18.89
CA THR A 296 7.73 -2.04 19.34
C THR A 296 6.86 -2.94 20.21
N ASP A 297 6.18 -2.32 21.19
CA ASP A 297 5.31 -2.99 22.16
C ASP A 297 4.34 -4.05 21.67
N MET A 298 3.57 -3.74 20.63
CA MET A 298 2.58 -4.68 20.09
C MET A 298 3.15 -6.05 19.70
N PHE A 299 4.47 -6.14 19.55
CA PHE A 299 5.13 -7.38 19.17
C PHE A 299 5.72 -8.11 20.40
N ARG A 300 6.09 -7.34 21.42
CA ARG A 300 6.66 -7.87 22.66
C ARG A 300 5.57 -8.41 23.59
N GLN A 301 5.74 -9.64 24.06
CA GLN A 301 4.77 -10.24 24.97
C GLN A 301 5.05 -9.76 26.40
N PHE A 302 3.98 -9.60 27.19
CA PHE A 302 4.07 -9.10 28.56
C PHE A 302 4.34 -7.60 28.53
N GLN A 303 4.15 -7.00 27.36
CA GLN A 303 4.37 -5.58 27.14
C GLN A 303 3.22 -5.03 26.31
N ALA A 304 2.75 -5.85 25.36
CA ALA A 304 1.66 -5.46 24.47
C ALA A 304 0.34 -5.31 25.21
N ASP A 305 -0.25 -4.13 25.09
CA ASP A 305 -1.52 -3.83 25.73
C ASP A 305 -2.68 -3.94 24.73
N PHE A 306 -3.56 -4.91 24.99
CA PHE A 306 -4.75 -5.15 24.16
C PHE A 306 -5.99 -5.12 25.05
N THR A 307 -5.86 -4.44 26.19
CA THR A 307 -6.94 -4.32 27.18
C THR A 307 -8.23 -3.64 26.70
N SER A 308 -8.21 -3.06 25.51
CA SER A 308 -9.39 -2.40 24.97
C SER A 308 -10.26 -3.43 24.28
N LEU A 309 -9.65 -4.55 23.89
CA LEU A 309 -10.39 -5.63 23.23
C LEU A 309 -10.92 -6.60 24.27
N SER A 310 -10.01 -7.35 24.89
CA SER A 310 -10.34 -8.33 25.91
C SER A 310 -9.38 -8.11 27.06
N ASP A 311 -9.43 -8.98 28.08
CA ASP A 311 -8.54 -8.87 29.23
C ASP A 311 -8.49 -10.17 30.03
N GLN A 312 -9.14 -11.21 29.49
CA GLN A 312 -9.16 -12.52 30.14
C GLN A 312 -7.82 -13.23 30.01
N GLU A 313 -6.95 -12.65 29.17
CA GLU A 313 -5.62 -13.17 28.90
C GLU A 313 -4.83 -12.10 28.15
N PRO A 314 -3.50 -12.04 28.36
CA PRO A 314 -2.65 -11.06 27.67
C PRO A 314 -2.50 -11.44 26.20
N LEU A 315 -2.40 -10.44 25.32
CA LEU A 315 -2.28 -10.69 23.88
C LEU A 315 -1.21 -9.84 23.19
N HIS A 316 -0.88 -10.19 21.96
CA HIS A 316 0.14 -9.48 21.18
C HIS A 316 0.16 -9.97 19.74
N VAL A 317 0.58 -9.09 18.82
CA VAL A 317 0.66 -9.41 17.40
C VAL A 317 1.73 -10.47 17.11
N ALA A 318 1.28 -11.69 16.82
CA ALA A 318 2.19 -12.79 16.52
C ALA A 318 2.85 -12.58 15.17
N GLN A 319 2.19 -11.80 14.32
CA GLN A 319 2.73 -11.46 13.00
C GLN A 319 1.90 -10.42 12.24
N ALA A 320 2.59 -9.69 11.38
CA ALA A 320 1.97 -8.66 10.56
C ALA A 320 2.54 -8.81 9.15
N LEU A 321 1.69 -8.73 8.14
CA LEU A 321 2.14 -8.89 6.76
C LEU A 321 1.26 -8.24 5.70
N GLN A 322 1.84 -8.13 4.49
CA GLN A 322 1.15 -7.56 3.34
C GLN A 322 1.53 -8.26 2.03
N LYS A 323 0.55 -8.87 1.38
CA LYS A 323 0.80 -9.54 0.11
C LYS A 323 0.17 -8.71 -1.00
N VAL A 324 1.02 -8.11 -1.85
CA VAL A 324 0.56 -7.27 -2.95
C VAL A 324 0.80 -7.97 -4.30
N LYS A 325 0.17 -7.46 -5.36
CA LYS A 325 0.33 -8.02 -6.70
C LYS A 325 -0.08 -6.97 -7.73
N ILE A 326 0.77 -6.77 -8.75
CA ILE A 326 0.47 -5.77 -9.77
C ILE A 326 0.83 -6.20 -11.18
N GLU A 327 -0.13 -6.00 -12.10
CA GLU A 327 0.05 -6.34 -13.50
C GLU A 327 0.03 -5.04 -14.30
N VAL A 328 1.16 -4.68 -14.91
CA VAL A 328 1.21 -3.45 -15.72
C VAL A 328 1.44 -3.81 -17.19
N ASN A 329 0.52 -3.40 -18.04
CA ASN A 329 0.63 -3.68 -19.47
C ASN A 329 0.20 -2.51 -20.36
N GLU A 330 0.05 -2.80 -21.65
CA GLU A 330 -0.34 -1.82 -22.65
C GLU A 330 -1.64 -1.09 -22.37
N SER A 331 -2.62 -1.78 -21.78
CA SER A 331 -3.91 -1.15 -21.49
C SER A 331 -4.08 -0.43 -20.15
N GLY A 332 -3.50 -0.98 -19.08
CA GLY A 332 -3.64 -0.33 -17.79
C GLY A 332 -2.83 -0.91 -16.65
N THR A 333 -3.45 -0.97 -15.47
CA THR A 333 -2.80 -1.50 -14.28
C THR A 333 -3.84 -2.11 -13.35
N VAL A 334 -3.64 -3.37 -12.98
CA VAL A 334 -4.56 -4.03 -12.07
C VAL A 334 -3.85 -4.56 -10.81
N PRO A 335 -3.53 -3.66 -9.87
CA PRO A 335 -2.85 -3.99 -8.62
C PRO A 335 -3.88 -4.32 -7.53
N SER A 336 -3.48 -5.21 -6.62
CA SER A 336 -4.35 -5.65 -5.53
C SER A 336 -3.51 -6.12 -4.37
N SER A 337 -3.76 -5.56 -3.18
CA SER A 337 -3.03 -5.94 -1.98
C SER A 337 -3.95 -6.38 -0.87
N SER A 338 -3.46 -7.28 -0.01
CA SER A 338 -4.25 -7.77 1.11
C SER A 338 -3.38 -7.78 2.36
N THR A 339 -3.53 -6.75 3.18
CA THR A 339 -2.73 -6.64 4.40
C THR A 339 -3.44 -7.14 5.65
N ALA A 340 -2.71 -7.95 6.44
CA ALA A 340 -3.25 -8.54 7.64
C ALA A 340 -2.36 -8.55 8.88
N VAL A 341 -3.00 -8.41 10.04
CA VAL A 341 -2.34 -8.43 11.34
C VAL A 341 -2.89 -9.65 12.06
N ILE A 342 -2.00 -10.43 12.67
CA ILE A 342 -2.43 -11.62 13.37
C ILE A 342 -1.98 -11.62 14.81
N VAL A 343 -2.95 -11.76 15.70
CA VAL A 343 -2.74 -11.77 17.14
C VAL A 343 -2.93 -13.19 17.66
N SER A 344 -1.82 -13.78 18.14
CA SER A 344 -1.77 -15.14 18.68
C SER A 344 -1.68 -16.27 17.61
N ALA A 345 -0.81 -16.08 16.63
CA ALA A 345 -0.61 -17.06 15.56
C ALA A 345 0.63 -16.77 14.71
N ARG A 346 1.70 -17.53 14.96
CA ARG A 346 2.96 -17.39 14.24
C ARG A 346 3.04 -18.31 13.02
N MET B 1 13.57 14.16 -36.05
CA MET B 1 12.16 14.56 -35.76
C MET B 1 11.58 13.71 -34.63
N ALA B 2 11.98 14.04 -33.40
CA ALA B 2 11.52 13.33 -32.21
C ALA B 2 11.83 14.10 -30.93
N PRO B 3 10.89 14.11 -29.97
CA PRO B 3 11.08 14.82 -28.71
C PRO B 3 11.94 14.01 -27.75
N GLU B 4 12.39 14.66 -26.68
CA GLU B 4 13.23 14.04 -25.66
C GLU B 4 12.71 12.66 -25.27
N GLU B 5 13.53 11.63 -25.51
CA GLU B 5 13.12 10.27 -25.17
C GLU B 5 13.45 10.01 -23.73
N ILE B 6 12.52 9.36 -23.05
CA ILE B 6 12.68 9.03 -21.64
C ILE B 6 12.47 7.52 -21.49
N ILE B 7 13.59 6.82 -21.33
CA ILE B 7 13.60 5.38 -21.20
C ILE B 7 13.72 4.96 -19.73
N MET B 8 12.98 3.93 -19.35
CA MET B 8 13.00 3.43 -17.99
C MET B 8 13.75 2.10 -17.99
N ASP B 9 15.00 2.16 -18.46
CA ASP B 9 15.86 0.98 -18.55
C ASP B 9 16.57 0.62 -17.26
N ARG B 10 16.57 1.53 -16.28
CA ARG B 10 17.19 1.27 -15.00
C ARG B 10 16.09 1.06 -13.96
N PRO B 11 16.42 0.53 -12.77
CA PRO B 11 15.39 0.32 -11.77
C PRO B 11 14.75 1.65 -11.38
N PHE B 12 13.43 1.73 -11.55
CA PHE B 12 12.67 2.94 -11.25
C PHE B 12 11.70 2.76 -10.09
N LEU B 13 11.00 3.85 -9.79
CA LEU B 13 10.01 3.90 -8.72
C LEU B 13 8.68 4.25 -9.36
N PHE B 14 7.59 3.76 -8.76
CA PHE B 14 6.28 4.06 -9.28
C PHE B 14 5.28 4.20 -8.15
N VAL B 15 4.49 5.26 -8.22
CA VAL B 15 3.49 5.55 -7.20
C VAL B 15 2.13 5.82 -7.82
N VAL B 16 1.17 4.93 -7.58
CA VAL B 16 -0.18 5.13 -8.11
C VAL B 16 -1.02 5.77 -7.02
N ARG B 17 -1.63 6.92 -7.32
CA ARG B 17 -2.43 7.59 -6.31
C ARG B 17 -3.71 8.23 -6.83
N HIS B 18 -4.61 8.52 -5.90
CA HIS B 18 -5.88 9.16 -6.18
C HIS B 18 -5.60 10.66 -5.94
N ASN B 19 -5.37 11.39 -7.03
CA ASN B 19 -5.03 12.81 -6.96
C ASN B 19 -5.88 13.75 -6.09
N PRO B 20 -7.22 13.77 -6.29
CA PRO B 20 -8.10 14.64 -5.49
C PRO B 20 -7.87 14.56 -3.99
N THR B 21 -7.80 13.33 -3.47
CA THR B 21 -7.59 13.10 -2.05
C THR B 21 -6.12 12.94 -1.65
N GLY B 22 -5.26 12.65 -2.63
CA GLY B 22 -3.85 12.45 -2.35
C GLY B 22 -3.62 11.13 -1.64
N THR B 23 -4.39 10.11 -2.05
CA THR B 23 -4.28 8.79 -1.46
C THR B 23 -3.32 7.89 -2.21
N VAL B 24 -2.15 7.64 -1.62
CA VAL B 24 -1.17 6.77 -2.22
C VAL B 24 -1.67 5.34 -2.01
N LEU B 25 -2.28 4.78 -3.05
CA LEU B 25 -2.82 3.42 -2.99
C LEU B 25 -1.72 2.35 -3.03
N PHE B 26 -0.84 2.42 -4.03
CA PHE B 26 0.24 1.45 -4.16
C PHE B 26 1.56 2.13 -4.49
N MET B 27 2.65 1.49 -4.09
CA MET B 27 4.00 1.97 -4.32
C MET B 27 4.86 0.85 -4.83
N GLY B 28 5.90 1.21 -5.56
CA GLY B 28 6.76 0.17 -6.10
C GLY B 28 8.17 0.54 -6.44
N GLN B 29 9.00 -0.48 -6.34
CA GLN B 29 10.42 -0.41 -6.60
C GLN B 29 10.67 -1.58 -7.55
N VAL B 30 10.76 -1.28 -8.85
CA VAL B 30 11.00 -2.30 -9.87
C VAL B 30 12.51 -2.39 -10.11
N MET B 31 13.14 -3.43 -9.58
CA MET B 31 14.58 -3.62 -9.72
C MET B 31 14.97 -4.54 -10.89
N GLU B 32 14.06 -5.42 -11.29
CA GLU B 32 14.29 -6.35 -12.38
C GLU B 32 12.95 -6.90 -12.85
N PRO B 33 12.46 -6.45 -14.02
CA PRO B 33 11.18 -6.88 -14.60
C PRO B 33 11.15 -8.36 -14.99
#